data_5TT5
#
_entry.id   5TT5
#
_cell.length_a   40.907
_cell.length_b   94.312
_cell.length_c   150.927
_cell.angle_alpha   90.00
_cell.angle_beta   90.00
_cell.angle_gamma   90.00
#
_symmetry.space_group_name_H-M   'P 21 21 21'
#
loop_
_entity.id
_entity.type
_entity.pdbx_description
1 polymer 'DNA ligase'
2 non-polymer NICOTINAMIDE-ADENINE-DINUCLEOTIDE
3 non-polymer 'ZINC ION'
4 non-polymer 'MAGNESIUM ION'
5 water water
#
_entity_poly.entity_id   1
_entity_poly.type   'polypeptide(L)'
_entity_poly.pdbx_seq_one_letter_code
;MGHHHHHHHHHHSSHIEGRHMESIEQQLTELRTTLRHHEYLYHVMDAPEIPDAEYDRLMRELRELETKHPELITPDSPTQ
RVGAAPLAAFSQIRHEVPMLSLDNVFDEESFLAFNKRVQDRLKNNEKVTWCCELMLDGLAVSILYENGVLVSAATRGDGT
TGEDITSNVRTIRAIPLKLHGENIPARLEVRGEVFLPQAGFEKINEDARRTGGKVFANPRNAAAGSLRQLDPRITAKRPL
TFFCYGVGVLEGGELPDTHLGRLLQFKKWGLPVSDRVTLCESAEEVLAFYHKVEEDRPTLGFDIDGVVIKVNSLAQQEQL
GFVARAPRWAVAFKFPAQEQMTFVRDVEFQVGRTGAITPVARLEPVHVAGVLVSNATLHNADEIERLGLRIGDKVVIRRA
GDVIPQVVNVVLSERPEDTREVVFPTHCPVCGSDVERVEGEAVARCTGGLICGAQRKESLKHFVSRRAMDVDGMGDKIID
QLVEKEYVHTPADLFKLTAGKLTGLERMGPKSAQNVVNALEKAKETTFARFLYALGIREVGEATAAGLAAYFGTLEALEA
ASIEELQKVPDVGIVVASHVHNFFAEESNRNVISELLAEGVHWPAPIVINAEEIDSPFAGKTVVLTGSLSQMSRDDAKAR
LVELGAKVAGSVSKKTDLVIAGEAAGSKLAKAQELGIEVIDEAEMLRLLGS
;
_entity_poly.pdbx_strand_id   A
#
loop_
_chem_comp.id
_chem_comp.type
_chem_comp.name
_chem_comp.formula
MG non-polymer 'MAGNESIUM ION' 'Mg 2'
NAD non-polymer NICOTINAMIDE-ADENINE-DINUCLEOTIDE 'C21 H27 N7 O14 P2'
ZN non-polymer 'ZINC ION' 'Zn 2'
#
# COMPACT_ATOMS: atom_id res chain seq x y z
N MET A 21 -33.24 3.74 -19.57
CA MET A 21 -32.57 4.15 -20.80
C MET A 21 -32.56 3.02 -21.83
N GLU A 22 -31.53 2.19 -21.81
CA GLU A 22 -31.50 1.04 -22.71
C GLU A 22 -32.58 0.04 -22.33
N SER A 23 -32.90 -0.85 -23.27
CA SER A 23 -33.88 -1.91 -23.00
C SER A 23 -33.40 -2.74 -21.81
N ILE A 24 -34.37 -3.30 -21.06
CA ILE A 24 -33.99 -4.13 -19.92
C ILE A 24 -33.18 -5.32 -20.38
N GLU A 25 -33.48 -5.87 -21.56
CA GLU A 25 -32.71 -6.98 -22.08
C GLU A 25 -31.27 -6.59 -22.36
N GLN A 26 -31.06 -5.38 -22.91
CA GLN A 26 -29.69 -4.92 -23.14
C GLN A 26 -28.99 -4.64 -21.83
N GLN A 27 -29.68 -4.00 -20.89
CA GLN A 27 -29.08 -3.75 -19.58
C GLN A 27 -28.63 -5.04 -18.92
N LEU A 28 -29.45 -6.09 -19.04
CA LEU A 28 -29.11 -7.36 -18.39
C LEU A 28 -27.87 -8.00 -19.00
N THR A 29 -27.82 -8.08 -20.34
CA THR A 29 -26.66 -8.70 -20.96
C THR A 29 -25.39 -7.89 -20.69
N GLU A 30 -25.50 -6.57 -20.67
CA GLU A 30 -24.33 -5.75 -20.38
C GLU A 30 -23.85 -5.98 -18.96
N LEU A 31 -24.77 -6.02 -17.98
CA LEU A 31 -24.34 -6.21 -16.60
C LEU A 31 -23.76 -7.61 -16.39
N ARG A 32 -24.41 -8.64 -16.93
CA ARG A 32 -23.91 -10.00 -16.73
C ARG A 32 -22.54 -10.16 -17.36
N THR A 33 -22.34 -9.58 -18.55
CA THR A 33 -21.05 -9.67 -19.22
C THR A 33 -19.98 -8.95 -18.42
N THR A 34 -20.28 -7.74 -17.95
CA THR A 34 -19.31 -6.98 -17.17
C THR A 34 -18.97 -7.69 -15.86
N LEU A 35 -19.96 -8.23 -15.17
CA LEU A 35 -19.69 -8.88 -13.89
C LEU A 35 -18.81 -10.11 -14.09
N ARG A 36 -19.10 -10.93 -15.09
CA ARG A 36 -18.25 -12.09 -15.33
C ARG A 36 -16.84 -11.68 -15.75
N HIS A 37 -16.73 -10.60 -16.53
CA HIS A 37 -15.42 -10.12 -16.94
C HIS A 37 -14.53 -9.89 -15.72
N HIS A 38 -15.06 -9.16 -14.74
CA HIS A 38 -14.25 -8.81 -13.58
C HIS A 38 -14.12 -9.97 -12.61
N GLU A 39 -15.12 -10.84 -12.52
CA GLU A 39 -14.97 -12.07 -11.72
C GLU A 39 -13.79 -12.89 -12.22
N TYR A 40 -13.59 -12.95 -13.54
CA TYR A 40 -12.44 -13.70 -14.07
C TYR A 40 -11.13 -13.07 -13.61
N LEU A 41 -11.02 -11.75 -13.76
CA LEU A 41 -9.79 -11.07 -13.36
C LEU A 41 -9.53 -11.22 -11.87
N TYR A 42 -10.59 -11.18 -11.06
CA TYR A 42 -10.41 -11.25 -9.60
C TYR A 42 -10.22 -12.70 -9.11
N HIS A 43 -11.22 -13.55 -9.32
CA HIS A 43 -11.17 -14.91 -8.76
C HIS A 43 -10.16 -15.81 -9.48
N VAL A 44 -10.05 -15.69 -10.80
CA VAL A 44 -9.15 -16.60 -11.51
C VAL A 44 -7.73 -16.04 -11.56
N MET A 45 -7.57 -14.75 -11.90
CA MET A 45 -6.24 -14.21 -12.12
C MET A 45 -5.65 -13.47 -10.94
N ASP A 46 -6.42 -13.21 -9.87
CA ASP A 46 -5.93 -12.39 -8.75
C ASP A 46 -5.33 -11.08 -9.26
N ALA A 47 -6.00 -10.48 -10.24
CA ALA A 47 -5.51 -9.28 -10.91
C ALA A 47 -6.68 -8.41 -11.38
N PRO A 48 -7.53 -7.97 -10.46
CA PRO A 48 -8.65 -7.12 -10.84
C PRO A 48 -8.18 -5.78 -11.39
N GLU A 49 -9.01 -5.21 -12.25
CA GLU A 49 -8.80 -3.89 -12.82
C GLU A 49 -9.63 -2.80 -12.13
N ILE A 50 -10.81 -3.14 -11.64
CA ILE A 50 -11.68 -2.17 -10.97
C ILE A 50 -11.67 -2.43 -9.46
N PRO A 51 -12.04 -1.44 -8.64
CA PRO A 51 -12.12 -1.67 -7.20
C PRO A 51 -13.25 -2.61 -6.86
N ASP A 52 -13.09 -3.32 -5.75
CA ASP A 52 -14.18 -4.12 -5.21
C ASP A 52 -15.47 -3.32 -5.11
N ALA A 53 -15.36 -2.05 -4.69
CA ALA A 53 -16.56 -1.22 -4.54
C ALA A 53 -17.29 -1.04 -5.86
N GLU A 54 -16.56 -0.98 -6.98
CA GLU A 54 -17.24 -0.87 -8.26
C GLU A 54 -17.91 -2.17 -8.66
N TYR A 55 -17.26 -3.31 -8.43
CA TYR A 55 -17.93 -4.59 -8.65
C TYR A 55 -19.19 -4.69 -7.80
N ASP A 56 -19.10 -4.29 -6.52
CA ASP A 56 -20.28 -4.37 -5.66
C ASP A 56 -21.40 -3.47 -6.17
N ARG A 57 -21.04 -2.30 -6.72
CA ARG A 57 -22.03 -1.40 -7.31
C ARG A 57 -22.74 -2.06 -8.49
N LEU A 58 -21.97 -2.70 -9.38
CA LEU A 58 -22.57 -3.37 -10.53
C LEU A 58 -23.46 -4.52 -10.10
N MET A 59 -23.03 -5.29 -9.11
CA MET A 59 -23.84 -6.40 -8.62
C MET A 59 -25.15 -5.89 -8.03
N ARG A 60 -25.10 -4.78 -7.27
CA ARG A 60 -26.34 -4.20 -6.75
C ARG A 60 -27.27 -3.78 -7.89
N GLU A 61 -26.71 -3.21 -8.96
CA GLU A 61 -27.53 -2.81 -10.10
C GLU A 61 -28.21 -4.02 -10.73
N LEU A 62 -27.45 -5.11 -10.92
CA LEU A 62 -28.06 -6.31 -11.47
C LEU A 62 -29.14 -6.86 -10.56
N ARG A 63 -28.88 -6.89 -9.24
CA ARG A 63 -29.87 -7.39 -8.30
C ARG A 63 -31.16 -6.57 -8.37
N GLU A 64 -31.02 -5.24 -8.47
CA GLU A 64 -32.20 -4.38 -8.56
C GLU A 64 -32.99 -4.65 -9.82
N LEU A 65 -32.30 -4.82 -10.95
CA LEU A 65 -32.97 -5.12 -12.20
C LEU A 65 -33.70 -6.45 -12.12
N GLU A 66 -33.04 -7.48 -11.56
CA GLU A 66 -33.68 -8.79 -11.47
C GLU A 66 -34.82 -8.80 -10.47
N THR A 67 -34.76 -7.95 -9.44
CA THR A 67 -35.88 -7.85 -8.51
C THR A 67 -37.10 -7.22 -9.17
N LYS A 68 -36.87 -6.23 -10.04
CA LYS A 68 -37.97 -5.63 -10.79
C LYS A 68 -38.47 -6.54 -11.91
N HIS A 69 -37.63 -7.41 -12.45
CA HIS A 69 -38.01 -8.30 -13.55
C HIS A 69 -37.55 -9.72 -13.24
N PRO A 70 -38.17 -10.37 -12.26
CA PRO A 70 -37.70 -11.69 -11.84
C PRO A 70 -37.79 -12.75 -12.93
N GLU A 71 -38.67 -12.57 -13.91
CA GLU A 71 -38.77 -13.50 -15.01
C GLU A 71 -37.52 -13.53 -15.87
N LEU A 72 -36.63 -12.56 -15.69
CA LEU A 72 -35.40 -12.44 -16.48
C LEU A 72 -34.17 -13.00 -15.76
N ILE A 73 -34.35 -13.52 -14.54
CA ILE A 73 -33.27 -14.23 -13.86
C ILE A 73 -33.04 -15.57 -14.54
N THR A 74 -31.79 -15.89 -14.85
CA THR A 74 -31.42 -17.18 -15.40
C THR A 74 -30.65 -17.98 -14.34
N PRO A 75 -30.62 -19.31 -14.47
CA PRO A 75 -29.87 -20.09 -13.47
C PRO A 75 -28.40 -19.78 -13.46
N ASP A 76 -27.85 -19.23 -14.54
CA ASP A 76 -26.43 -18.92 -14.57
C ASP A 76 -26.16 -17.42 -14.49
N SER A 77 -27.12 -16.66 -13.96
CA SER A 77 -26.87 -15.25 -13.67
C SER A 77 -25.81 -15.14 -12.58
N PRO A 78 -25.01 -14.07 -12.59
CA PRO A 78 -24.05 -13.86 -11.48
C PRO A 78 -24.70 -13.86 -10.11
N THR A 79 -25.98 -13.49 -10.01
CA THR A 79 -26.64 -13.49 -8.71
C THR A 79 -26.97 -14.89 -8.23
N GLN A 80 -26.81 -15.91 -9.07
CA GLN A 80 -27.14 -17.29 -8.73
C GLN A 80 -25.90 -18.17 -8.61
N ARG A 81 -24.72 -17.60 -8.73
CA ARG A 81 -23.49 -18.36 -8.89
C ARG A 81 -22.43 -17.81 -7.96
N VAL A 82 -21.37 -18.60 -7.77
CA VAL A 82 -20.33 -18.35 -6.77
C VAL A 82 -18.96 -18.41 -7.43
N GLY A 83 -18.12 -17.42 -7.16
CA GLY A 83 -16.71 -17.51 -7.53
C GLY A 83 -16.47 -17.62 -9.03
N ALA A 84 -15.62 -18.57 -9.40
CA ALA A 84 -15.26 -18.81 -10.80
C ALA A 84 -14.70 -20.21 -10.90
N ALA A 85 -14.73 -20.76 -12.10
CA ALA A 85 -14.32 -22.14 -12.28
C ALA A 85 -12.87 -22.33 -11.85
N PRO A 86 -12.54 -23.45 -11.22
CA PRO A 86 -11.17 -23.66 -10.75
C PRO A 86 -10.20 -23.83 -11.91
N LEU A 87 -8.96 -23.40 -11.68
CA LEU A 87 -7.91 -23.56 -12.67
C LEU A 87 -7.60 -25.03 -12.89
N ALA A 88 -7.66 -25.47 -14.16
CA ALA A 88 -7.43 -26.87 -14.47
C ALA A 88 -5.97 -27.27 -14.33
N ALA A 89 -5.06 -26.31 -14.23
CA ALA A 89 -3.66 -26.62 -13.96
C ALA A 89 -3.43 -27.20 -12.57
N PHE A 90 -4.37 -26.99 -11.64
CA PHE A 90 -4.33 -27.58 -10.31
C PHE A 90 -5.16 -28.84 -10.28
N SER A 91 -4.75 -29.80 -9.43
CA SER A 91 -5.69 -30.87 -9.12
C SER A 91 -6.91 -30.26 -8.46
N GLN A 92 -8.01 -30.97 -8.51
CA GLN A 92 -9.25 -30.37 -8.09
C GLN A 92 -9.96 -31.21 -7.05
N ILE A 93 -10.63 -30.52 -6.15
CA ILE A 93 -11.27 -31.13 -4.99
C ILE A 93 -12.73 -30.73 -5.02
N ARG A 94 -13.62 -31.72 -5.01
CA ARG A 94 -15.05 -31.46 -4.89
C ARG A 94 -15.41 -31.28 -3.43
N HIS A 95 -15.85 -30.09 -3.05
CA HIS A 95 -16.20 -29.86 -1.65
C HIS A 95 -17.31 -30.81 -1.24
N GLU A 96 -17.21 -31.35 -0.02
CA GLU A 96 -18.20 -32.34 0.38
C GLU A 96 -19.51 -31.71 0.81
N VAL A 97 -19.50 -30.42 1.14
CA VAL A 97 -20.68 -29.58 1.24
C VAL A 97 -20.38 -28.35 0.39
N PRO A 98 -21.34 -27.82 -0.36
CA PRO A 98 -21.07 -26.63 -1.20
C PRO A 98 -20.52 -25.49 -0.39
N MET A 99 -19.64 -24.72 -1.02
CA MET A 99 -19.12 -23.47 -0.49
C MET A 99 -19.84 -22.34 -1.21
N LEU A 100 -20.23 -21.31 -0.47
CA LEU A 100 -21.03 -20.28 -1.08
C LEU A 100 -20.39 -18.91 -0.88
N SER A 101 -21.17 -17.88 -1.16
CA SER A 101 -20.75 -16.51 -0.95
C SER A 101 -21.58 -15.96 0.23
N LEU A 102 -21.65 -14.64 0.34
CA LEU A 102 -22.48 -13.96 1.32
C LEU A 102 -23.20 -12.81 0.62
N ASP A 103 -24.49 -12.67 0.90
CA ASP A 103 -25.14 -11.44 0.45
C ASP A 103 -24.74 -10.31 1.40
N ASN A 104 -24.84 -9.07 0.91
CA ASN A 104 -24.23 -7.98 1.66
C ASN A 104 -25.18 -6.80 1.82
N VAL A 105 -24.86 -5.97 2.81
CA VAL A 105 -25.50 -4.69 3.02
C VAL A 105 -24.43 -3.65 3.30
N PHE A 106 -24.79 -2.39 3.07
CA PHE A 106 -23.84 -1.30 3.14
C PHE A 106 -24.25 -0.20 4.11
N ASP A 107 -25.39 -0.32 4.79
CA ASP A 107 -25.80 0.71 5.74
C ASP A 107 -26.62 0.08 6.86
N GLU A 108 -26.72 0.83 7.97
CA GLU A 108 -27.46 0.35 9.15
C GLU A 108 -28.90 0.00 8.82
N GLU A 109 -29.57 0.85 8.03
CA GLU A 109 -30.98 0.61 7.72
C GLU A 109 -31.17 -0.72 7.00
N SER A 110 -30.25 -1.06 6.09
CA SER A 110 -30.33 -2.33 5.38
C SER A 110 -30.02 -3.50 6.29
N PHE A 111 -29.09 -3.34 7.25
CA PHE A 111 -28.89 -4.43 8.19
C PHE A 111 -30.16 -4.65 9.02
N LEU A 112 -30.79 -3.56 9.48
CA LEU A 112 -31.98 -3.72 10.30
C LEU A 112 -33.10 -4.41 9.51
N ALA A 113 -33.17 -4.13 8.21
CA ALA A 113 -34.17 -4.79 7.36
C ALA A 113 -33.90 -6.30 7.31
N PHE A 114 -32.62 -6.67 7.19
CA PHE A 114 -32.25 -8.08 7.24
C PHE A 114 -32.62 -8.70 8.57
N ASN A 115 -32.32 -7.99 9.67
CA ASN A 115 -32.70 -8.50 10.99
C ASN A 115 -34.19 -8.78 11.07
N LYS A 116 -35.00 -7.86 10.57
CA LYS A 116 -36.46 -8.04 10.61
C LYS A 116 -36.90 -9.22 9.74
N ARG A 117 -36.33 -9.36 8.55
CA ARG A 117 -36.68 -10.51 7.71
C ARG A 117 -36.39 -11.83 8.43
N VAL A 118 -35.24 -11.90 9.11
CA VAL A 118 -34.86 -13.12 9.81
C VAL A 118 -35.80 -13.39 10.97
N GLN A 119 -36.06 -12.37 11.78
CA GLN A 119 -36.96 -12.54 12.93
C GLN A 119 -38.32 -13.03 12.48
N ASP A 120 -38.82 -12.48 11.38
CA ASP A 120 -40.17 -12.81 10.95
C ASP A 120 -40.30 -14.18 10.29
N ARG A 121 -39.20 -14.83 9.94
CA ARG A 121 -39.26 -16.15 9.31
C ARG A 121 -38.85 -17.28 10.25
N LEU A 122 -38.40 -16.99 11.46
CA LEU A 122 -38.03 -18.04 12.40
C LEU A 122 -39.22 -18.49 13.23
N VAL A 128 -33.36 -15.10 18.58
CA VAL A 128 -32.21 -14.94 17.69
C VAL A 128 -31.05 -14.27 18.41
N THR A 129 -29.89 -14.91 18.34
CA THR A 129 -28.63 -14.37 18.80
C THR A 129 -27.72 -14.28 17.58
N TRP A 130 -26.90 -13.23 17.51
CA TRP A 130 -26.01 -13.03 16.38
C TRP A 130 -24.58 -13.36 16.77
N CYS A 131 -23.93 -14.20 15.96
CA CYS A 131 -22.48 -14.40 16.06
C CYS A 131 -21.84 -13.47 15.04
N CYS A 132 -20.99 -12.56 15.51
CA CYS A 132 -20.48 -11.44 14.71
C CYS A 132 -18.97 -11.54 14.63
N GLU A 133 -18.43 -11.46 13.41
CA GLU A 133 -17.03 -11.73 13.16
C GLU A 133 -16.45 -10.69 12.23
N LEU A 134 -15.17 -10.38 12.41
CA LEU A 134 -14.43 -9.64 11.37
C LEU A 134 -14.59 -10.34 10.03
N MET A 135 -14.90 -9.56 9.00
CA MET A 135 -14.91 -10.09 7.64
C MET A 135 -13.51 -9.91 7.09
N LEU A 136 -12.76 -11.00 7.00
CA LEU A 136 -11.37 -10.97 6.55
C LEU A 136 -11.32 -10.83 5.04
N ASP A 137 -10.50 -9.90 4.56
CA ASP A 137 -10.37 -9.66 3.11
C ASP A 137 -9.20 -10.50 2.59
N GLY A 138 -9.47 -11.78 2.37
CA GLY A 138 -8.47 -12.70 1.86
C GLY A 138 -9.12 -13.62 0.84
N LEU A 139 -8.80 -14.91 0.88
CA LEU A 139 -9.54 -15.86 0.05
C LEU A 139 -9.95 -17.07 0.87
N ALA A 140 -11.08 -17.67 0.45
CA ALA A 140 -11.69 -18.77 1.20
C ALA A 140 -10.91 -20.06 1.00
N VAL A 141 -10.81 -20.85 2.06
CA VAL A 141 -10.21 -22.18 1.97
C VAL A 141 -11.03 -23.16 2.77
N SER A 142 -11.06 -24.41 2.29
CA SER A 142 -11.73 -25.52 2.95
C SER A 142 -10.70 -26.59 3.27
N ILE A 143 -10.52 -26.92 4.55
CA ILE A 143 -9.47 -27.81 5.01
C ILE A 143 -10.10 -29.06 5.58
N LEU A 144 -9.80 -30.22 4.99
CA LEU A 144 -10.38 -31.47 5.46
C LEU A 144 -9.46 -32.11 6.50
N TYR A 145 -9.99 -32.37 7.69
CA TYR A 145 -9.32 -33.16 8.71
C TYR A 145 -10.01 -34.51 8.82
N GLU A 146 -9.24 -35.59 8.72
CA GLU A 146 -9.76 -36.94 8.92
C GLU A 146 -9.05 -37.50 10.14
N ASN A 147 -9.84 -37.92 11.15
CA ASN A 147 -9.30 -38.39 12.42
C ASN A 147 -8.33 -37.37 13.01
N GLY A 148 -8.66 -36.09 12.84
CA GLY A 148 -7.86 -35.00 13.36
C GLY A 148 -6.59 -34.68 12.61
N VAL A 149 -6.38 -35.26 11.42
CA VAL A 149 -5.16 -35.06 10.63
C VAL A 149 -5.53 -34.28 9.39
N LEU A 150 -4.80 -33.20 9.11
CA LEU A 150 -5.05 -32.46 7.86
C LEU A 150 -4.69 -33.35 6.69
N VAL A 151 -5.66 -33.58 5.79
CA VAL A 151 -5.43 -34.46 4.65
C VAL A 151 -5.57 -33.76 3.30
N SER A 152 -6.35 -32.67 3.24
CA SER A 152 -6.42 -31.88 2.01
C SER A 152 -6.86 -30.47 2.32
N ALA A 153 -6.63 -29.57 1.36
CA ALA A 153 -7.14 -28.21 1.49
C ALA A 153 -7.41 -27.69 0.08
N ALA A 154 -8.48 -26.92 -0.06
CA ALA A 154 -8.90 -26.43 -1.37
C ALA A 154 -9.30 -24.97 -1.29
N THR A 155 -9.06 -24.25 -2.38
CA THR A 155 -9.75 -22.97 -2.59
C THR A 155 -11.23 -23.22 -2.87
N ARG A 156 -12.00 -22.14 -2.94
CA ARG A 156 -13.43 -22.29 -3.18
C ARG A 156 -13.76 -22.64 -4.63
N GLY A 157 -13.00 -22.10 -5.58
CA GLY A 157 -13.34 -22.33 -6.98
C GLY A 157 -14.71 -21.76 -7.30
N ASP A 158 -15.58 -22.59 -7.84
CA ASP A 158 -16.93 -22.17 -8.19
C ASP A 158 -17.95 -22.55 -7.13
N GLY A 159 -17.49 -22.93 -5.93
CA GLY A 159 -18.38 -23.34 -4.85
C GLY A 159 -18.66 -24.83 -4.82
N THR A 160 -18.46 -25.51 -5.94
CA THR A 160 -18.61 -26.95 -6.05
C THR A 160 -17.26 -27.66 -6.12
N THR A 161 -16.35 -27.11 -6.91
CA THR A 161 -15.02 -27.68 -7.12
C THR A 161 -13.97 -26.59 -6.92
N GLY A 162 -12.96 -26.88 -6.11
CA GLY A 162 -11.88 -25.95 -5.84
C GLY A 162 -10.54 -26.49 -6.31
N GLU A 163 -9.52 -25.65 -6.14
CA GLU A 163 -8.15 -26.00 -6.51
C GLU A 163 -7.45 -26.62 -5.30
N ASP A 164 -6.77 -27.76 -5.53
CA ASP A 164 -6.02 -28.42 -4.46
C ASP A 164 -4.79 -27.59 -4.10
N ILE A 165 -4.78 -27.06 -2.88
CA ILE A 165 -3.68 -26.25 -2.35
C ILE A 165 -3.16 -26.87 -1.06
N THR A 166 -3.23 -28.20 -0.97
CA THR A 166 -2.80 -28.89 0.25
C THR A 166 -1.36 -28.57 0.61
N SER A 167 -0.43 -28.75 -0.34
CA SER A 167 0.98 -28.51 -0.03
C SER A 167 1.20 -27.05 0.37
N ASN A 168 0.50 -26.12 -0.27
CA ASN A 168 0.65 -24.71 0.05
C ASN A 168 0.16 -24.43 1.47
N VAL A 169 -0.95 -25.04 1.86
CA VAL A 169 -1.53 -24.78 3.17
C VAL A 169 -0.63 -25.31 4.28
N ARG A 170 0.11 -26.39 4.04
CA ARG A 170 1.00 -26.91 5.08
C ARG A 170 2.17 -25.97 5.38
N THR A 171 2.43 -24.99 4.51
CA THR A 171 3.45 -23.98 4.79
C THR A 171 2.94 -22.85 5.69
N ILE A 172 1.65 -22.84 6.01
CA ILE A 172 1.05 -21.78 6.79
C ILE A 172 1.04 -22.21 8.25
N ARG A 173 1.92 -21.59 9.08
CA ARG A 173 2.09 -21.99 10.48
C ARG A 173 0.81 -21.89 11.28
N ALA A 174 -0.04 -20.92 10.97
CA ALA A 174 -1.25 -20.72 11.74
C ALA A 174 -2.26 -21.86 11.56
N ILE A 175 -2.13 -22.65 10.50
CA ILE A 175 -3.05 -23.76 10.23
C ILE A 175 -2.46 -25.02 10.84
N PRO A 176 -3.07 -25.62 11.86
CA PRO A 176 -2.50 -26.84 12.46
C PRO A 176 -2.62 -28.04 11.55
N LEU A 177 -1.61 -28.91 11.61
CA LEU A 177 -1.64 -30.15 10.85
C LEU A 177 -2.36 -31.26 11.59
N LYS A 178 -2.56 -31.10 12.90
CA LYS A 178 -3.29 -32.06 13.72
C LYS A 178 -4.17 -31.30 14.68
N LEU A 179 -5.36 -31.85 14.95
CA LEU A 179 -6.25 -31.31 15.96
C LEU A 179 -6.08 -32.12 17.23
N HIS A 180 -6.11 -31.45 18.37
CA HIS A 180 -5.82 -32.08 19.67
C HIS A 180 -6.96 -31.86 20.64
N GLY A 181 -7.55 -32.95 21.12
CA GLY A 181 -8.64 -32.87 22.05
C GLY A 181 -9.48 -34.14 22.00
N GLU A 182 -10.55 -34.10 22.77
CA GLU A 182 -11.53 -35.17 22.72
C GLU A 182 -12.68 -34.75 21.82
N ASN A 183 -13.45 -35.74 21.38
CA ASN A 183 -14.66 -35.51 20.61
C ASN A 183 -14.37 -35.00 19.21
N ILE A 184 -13.16 -35.18 18.70
CA ILE A 184 -12.86 -34.73 17.34
C ILE A 184 -13.61 -35.63 16.36
N PRO A 185 -14.44 -35.07 15.49
CA PRO A 185 -15.19 -35.90 14.54
C PRO A 185 -14.27 -36.63 13.59
N ALA A 186 -14.74 -37.78 13.09
CA ALA A 186 -13.93 -38.56 12.18
C ALA A 186 -13.60 -37.80 10.91
N ARG A 187 -14.54 -36.99 10.42
CA ARG A 187 -14.34 -36.23 9.18
C ARG A 187 -14.90 -34.83 9.35
N LEU A 188 -14.09 -33.81 9.07
CA LEU A 188 -14.47 -32.43 9.31
C LEU A 188 -13.82 -31.52 8.28
N GLU A 189 -14.61 -30.75 7.55
CA GLU A 189 -14.08 -29.63 6.76
C GLU A 189 -14.14 -28.36 7.61
N VAL A 190 -12.98 -27.76 7.86
CA VAL A 190 -12.88 -26.46 8.51
C VAL A 190 -12.76 -25.41 7.41
N ARG A 191 -13.60 -24.36 7.48
CA ARG A 191 -13.56 -23.29 6.49
C ARG A 191 -13.06 -22.02 7.15
N GLY A 192 -12.29 -21.25 6.40
CA GLY A 192 -11.77 -20.01 6.93
C GLY A 192 -11.16 -19.18 5.83
N GLU A 193 -10.55 -18.07 6.23
CA GLU A 193 -9.94 -17.14 5.30
C GLU A 193 -8.43 -17.20 5.45
N VAL A 194 -7.72 -17.47 4.35
CA VAL A 194 -6.28 -17.21 4.29
C VAL A 194 -6.10 -15.74 3.90
N PHE A 195 -5.19 -15.06 4.58
CA PHE A 195 -4.97 -13.65 4.30
C PHE A 195 -3.52 -13.31 4.60
N LEU A 196 -3.13 -12.11 4.15
CA LEU A 196 -1.75 -11.65 4.20
C LEU A 196 -1.76 -10.30 4.88
N PRO A 197 -1.11 -10.15 6.05
CA PRO A 197 -1.13 -8.86 6.74
C PRO A 197 -0.54 -7.75 5.89
N GLN A 198 -0.93 -6.52 6.24
CA GLN A 198 -0.61 -5.35 5.45
C GLN A 198 0.90 -5.17 5.31
N ALA A 199 1.65 -5.38 6.39
CA ALA A 199 3.11 -5.19 6.30
C ALA A 199 3.71 -6.17 5.30
N GLY A 200 3.24 -7.42 5.29
CA GLY A 200 3.72 -8.39 4.31
C GLY A 200 3.35 -8.00 2.89
N PHE A 201 2.12 -7.51 2.70
CA PHE A 201 1.69 -7.00 1.41
C PHE A 201 2.59 -5.87 0.91
N GLU A 202 2.88 -4.88 1.76
CA GLU A 202 3.65 -3.72 1.31
C GLU A 202 5.05 -4.14 0.90
N LYS A 203 5.62 -5.10 1.62
CA LYS A 203 6.94 -5.62 1.28
C LYS A 203 6.91 -6.29 -0.08
N ILE A 204 5.92 -7.15 -0.30
CA ILE A 204 5.80 -7.85 -1.58
C ILE A 204 5.72 -6.86 -2.73
N ASN A 205 4.94 -5.78 -2.56
CA ASN A 205 4.74 -4.84 -3.65
C ASN A 205 5.96 -3.94 -3.88
N GLU A 206 6.61 -3.50 -2.78
CA GLU A 206 7.83 -2.71 -2.93
C GLU A 206 8.91 -3.52 -3.62
N ASP A 207 9.08 -4.79 -3.23
CA ASP A 207 10.01 -5.66 -3.94
C ASP A 207 9.62 -5.82 -5.40
N ALA A 208 8.33 -6.02 -5.69
CA ALA A 208 7.91 -6.27 -7.06
C ALA A 208 8.12 -5.04 -7.93
N ARG A 209 7.87 -3.85 -7.38
CA ARG A 209 8.09 -2.63 -8.15
C ARG A 209 9.56 -2.48 -8.54
N ARG A 210 10.48 -2.96 -7.70
CA ARG A 210 11.89 -2.79 -7.99
C ARG A 210 12.52 -3.98 -8.72
N THR A 211 11.83 -5.13 -8.81
CA THR A 211 12.39 -6.29 -9.49
C THR A 211 11.65 -6.72 -10.75
N GLY A 212 10.51 -6.11 -11.08
CA GLY A 212 9.76 -6.51 -12.24
C GLY A 212 8.80 -7.65 -12.04
N GLY A 213 8.50 -8.03 -10.80
CA GLY A 213 7.51 -9.05 -10.54
C GLY A 213 6.11 -8.49 -10.55
N LYS A 214 5.16 -9.35 -10.17
CA LYS A 214 3.76 -8.93 -10.14
C LYS A 214 3.50 -8.01 -8.96
N VAL A 215 2.93 -6.85 -9.25
CA VAL A 215 2.51 -5.88 -8.23
C VAL A 215 1.02 -6.09 -8.00
N PHE A 216 0.64 -6.42 -6.76
CA PHE A 216 -0.73 -6.79 -6.44
C PHE A 216 -1.57 -5.56 -6.10
N ALA A 217 -2.88 -5.66 -6.38
CA ALA A 217 -3.76 -4.54 -6.10
C ALA A 217 -3.87 -4.27 -4.60
N ASN A 218 -3.90 -5.31 -3.80
CA ASN A 218 -4.18 -5.16 -2.38
C ASN A 218 -3.83 -6.47 -1.66
N PRO A 219 -3.88 -6.50 -0.32
CA PRO A 219 -3.59 -7.75 0.40
C PRO A 219 -4.44 -8.94 -0.05
N ARG A 220 -5.72 -8.75 -0.40
CA ARG A 220 -6.50 -9.90 -0.83
C ARG A 220 -5.83 -10.58 -2.01
N ASN A 221 -5.44 -9.80 -3.00
CA ASN A 221 -4.92 -10.41 -4.21
C ASN A 221 -3.50 -10.92 -4.01
N ALA A 222 -2.69 -10.25 -3.17
CA ALA A 222 -1.39 -10.79 -2.83
C ALA A 222 -1.51 -12.11 -2.07
N ALA A 223 -2.50 -12.24 -1.18
CA ALA A 223 -2.68 -13.50 -0.47
C ALA A 223 -3.08 -14.61 -1.45
N ALA A 224 -4.04 -14.30 -2.32
CA ALA A 224 -4.52 -15.29 -3.29
C ALA A 224 -3.41 -15.72 -4.24
N GLY A 225 -2.64 -14.77 -4.77
CA GLY A 225 -1.55 -15.13 -5.66
C GLY A 225 -0.47 -15.90 -4.95
N SER A 226 -0.23 -15.58 -3.69
CA SER A 226 0.78 -16.29 -2.92
C SER A 226 0.35 -17.72 -2.62
N LEU A 227 -0.94 -17.92 -2.36
CA LEU A 227 -1.44 -19.24 -2.00
C LEU A 227 -1.59 -20.15 -3.21
N ARG A 228 -2.07 -19.60 -4.33
CA ARG A 228 -2.45 -20.40 -5.51
C ARG A 228 -1.22 -20.54 -6.41
N GLN A 229 -0.24 -21.27 -5.90
CA GLN A 229 1.01 -21.53 -6.60
C GLN A 229 1.13 -23.02 -6.85
N LEU A 230 1.48 -23.40 -8.08
CA LEU A 230 1.78 -24.81 -8.34
C LEU A 230 2.97 -25.28 -7.51
N ASP A 231 3.95 -24.39 -7.30
CA ASP A 231 5.15 -24.72 -6.54
C ASP A 231 4.96 -24.22 -5.11
N PRO A 232 4.72 -25.10 -4.13
CA PRO A 232 4.44 -24.62 -2.77
C PRO A 232 5.63 -23.98 -2.10
N ARG A 233 6.83 -24.14 -2.64
CA ARG A 233 7.99 -23.47 -2.07
C ARG A 233 7.86 -21.96 -2.23
N ILE A 234 7.12 -21.52 -3.24
CA ILE A 234 6.88 -20.09 -3.38
C ILE A 234 5.95 -19.59 -2.29
N THR A 235 4.86 -20.33 -2.05
CA THR A 235 3.94 -19.99 -0.96
C THR A 235 4.67 -19.90 0.37
N ALA A 236 5.64 -20.81 0.60
CA ALA A 236 6.26 -20.89 1.92
C ALA A 236 7.02 -19.62 2.27
N LYS A 237 7.45 -18.87 1.28
CA LYS A 237 8.20 -17.63 1.52
C LYS A 237 7.30 -16.43 1.73
N ARG A 238 5.98 -16.60 1.66
CA ARG A 238 5.03 -15.51 1.84
C ARG A 238 4.37 -15.63 3.20
N PRO A 239 4.25 -14.51 4.00
CA PRO A 239 3.77 -14.60 5.39
C PRO A 239 2.26 -14.71 5.50
N LEU A 240 1.71 -15.74 4.86
CA LEU A 240 0.27 -16.01 4.94
C LEU A 240 -0.14 -16.46 6.34
N THR A 241 -1.38 -16.14 6.71
CA THR A 241 -1.97 -16.60 7.96
C THR A 241 -3.43 -16.94 7.69
N PHE A 242 -4.16 -17.27 8.75
CA PHE A 242 -5.48 -17.89 8.61
C PHE A 242 -6.28 -17.67 9.88
N PHE A 243 -7.59 -17.48 9.71
CA PHE A 243 -8.57 -17.60 10.79
C PHE A 243 -9.70 -18.50 10.31
N CYS A 244 -10.20 -19.36 11.21
CA CYS A 244 -11.41 -20.13 10.94
C CYS A 244 -12.65 -19.24 10.95
N TYR A 245 -13.65 -19.65 10.18
CA TYR A 245 -14.95 -18.99 10.31
C TYR A 245 -16.14 -19.93 10.18
N GLY A 246 -15.97 -21.19 9.81
CA GLY A 246 -17.14 -22.01 9.60
C GLY A 246 -16.81 -23.46 9.33
N VAL A 247 -17.84 -24.20 8.93
CA VAL A 247 -17.78 -25.66 8.84
C VAL A 247 -18.31 -26.11 7.49
N GLY A 248 -17.65 -27.11 6.90
CA GLY A 248 -18.22 -27.81 5.76
C GLY A 248 -18.80 -29.14 6.19
N VAL A 249 -18.30 -30.23 5.61
CA VAL A 249 -18.81 -31.55 5.96
C VAL A 249 -18.50 -31.90 7.41
N LEU A 250 -19.38 -32.68 8.01
CA LEU A 250 -19.20 -33.17 9.37
C LEU A 250 -19.74 -34.59 9.40
N GLU A 251 -18.85 -35.55 9.65
CA GLU A 251 -19.25 -36.95 9.67
C GLU A 251 -18.55 -37.64 10.83
N GLY A 252 -19.20 -38.66 11.39
CA GLY A 252 -18.57 -39.44 12.44
C GLY A 252 -18.28 -38.66 13.69
N GLY A 253 -19.21 -37.81 14.10
CA GLY A 253 -19.03 -37.00 15.28
C GLY A 253 -20.02 -35.86 15.29
N GLU A 254 -19.95 -35.07 16.37
CA GLU A 254 -20.85 -33.96 16.61
C GLU A 254 -20.07 -32.68 16.85
N LEU A 255 -20.74 -31.56 16.68
CA LEU A 255 -20.21 -30.24 17.00
C LEU A 255 -21.20 -29.51 17.87
N PRO A 256 -20.78 -28.43 18.56
CA PRO A 256 -21.72 -27.64 19.36
C PRO A 256 -22.89 -27.12 18.55
N ASP A 257 -23.96 -26.74 19.26
CA ASP A 257 -25.21 -26.35 18.61
C ASP A 257 -25.33 -24.85 18.37
N THR A 258 -24.26 -24.07 18.56
CA THR A 258 -24.24 -22.68 18.14
C THR A 258 -22.99 -22.42 17.34
N HIS A 259 -23.06 -21.40 16.49
CA HIS A 259 -21.90 -21.08 15.66
C HIS A 259 -20.70 -20.66 16.51
N LEU A 260 -20.92 -19.75 17.47
CA LEU A 260 -19.80 -19.38 18.34
C LEU A 260 -19.28 -20.58 19.11
N GLY A 261 -20.19 -21.43 19.61
CA GLY A 261 -19.76 -22.67 20.25
C GLY A 261 -18.84 -23.51 19.38
N ARG A 262 -19.15 -23.58 18.08
CA ARG A 262 -18.28 -24.31 17.17
C ARG A 262 -16.92 -23.64 17.04
N LEU A 263 -16.90 -22.32 16.88
CA LEU A 263 -15.62 -21.62 16.77
C LEU A 263 -14.77 -21.83 18.03
N LEU A 264 -15.41 -21.77 19.22
CA LEU A 264 -14.66 -21.95 20.46
C LEU A 264 -14.15 -23.37 20.61
N GLN A 265 -14.91 -24.36 20.12
CA GLN A 265 -14.40 -25.73 20.06
C GLN A 265 -13.21 -25.83 19.11
N PHE A 266 -13.30 -25.19 17.94
CA PHE A 266 -12.17 -25.18 17.02
C PHE A 266 -10.93 -24.60 17.69
N LYS A 267 -11.12 -23.53 18.45
CA LYS A 267 -10.01 -22.91 19.16
C LYS A 267 -9.37 -23.88 20.14
N LYS A 268 -10.18 -24.61 20.90
CA LYS A 268 -9.66 -25.59 21.84
C LYS A 268 -8.84 -26.66 21.14
N TRP A 269 -9.22 -27.03 19.92
CA TRP A 269 -8.51 -28.07 19.16
C TRP A 269 -7.23 -27.55 18.52
N GLY A 270 -6.98 -26.25 18.56
CA GLY A 270 -5.75 -25.68 18.07
C GLY A 270 -5.91 -24.83 16.82
N LEU A 271 -7.13 -24.64 16.36
CA LEU A 271 -7.34 -23.83 15.17
C LEU A 271 -7.39 -22.36 15.56
N PRO A 272 -6.90 -21.47 14.68
CA PRO A 272 -6.84 -20.05 15.03
C PRO A 272 -8.19 -19.38 14.90
N VAL A 273 -8.61 -18.72 15.96
CA VAL A 273 -9.89 -18.04 16.04
C VAL A 273 -9.65 -16.60 16.46
N SER A 274 -10.25 -15.66 15.75
CA SER A 274 -10.07 -14.24 16.06
C SER A 274 -10.60 -13.91 17.46
N ASP A 275 -9.84 -13.08 18.19
CA ASP A 275 -10.30 -12.63 19.50
C ASP A 275 -11.36 -11.54 19.44
N ARG A 276 -11.87 -11.22 18.25
CA ARG A 276 -12.95 -10.25 18.10
C ARG A 276 -14.29 -10.90 17.79
N VAL A 277 -14.35 -12.24 17.69
CA VAL A 277 -15.66 -12.88 17.50
C VAL A 277 -16.54 -12.54 18.69
N THR A 278 -17.79 -12.17 18.40
CA THR A 278 -18.63 -11.45 19.37
C THR A 278 -20.07 -11.93 19.28
N LEU A 279 -20.71 -12.13 20.44
CA LEU A 279 -22.14 -12.36 20.47
C LEU A 279 -22.89 -11.05 20.67
N CYS A 280 -24.03 -10.93 19.97
CA CYS A 280 -24.93 -9.79 20.09
C CYS A 280 -26.35 -10.31 20.23
N GLU A 281 -27.10 -9.79 21.22
CA GLU A 281 -28.44 -10.26 21.51
C GLU A 281 -29.52 -9.29 21.05
N SER A 282 -29.17 -8.35 20.20
CA SER A 282 -30.12 -7.41 19.63
C SER A 282 -29.47 -6.84 18.36
N ALA A 283 -30.30 -6.31 17.48
CA ALA A 283 -29.75 -5.66 16.29
C ALA A 283 -28.91 -4.44 16.67
N GLU A 284 -29.29 -3.75 17.74
CA GLU A 284 -28.55 -2.55 18.11
C GLU A 284 -27.18 -2.89 18.66
N GLU A 285 -27.04 -4.05 19.32
CA GLU A 285 -25.72 -4.53 19.71
C GLU A 285 -24.85 -4.79 18.50
N VAL A 286 -25.44 -5.37 17.43
CA VAL A 286 -24.67 -5.58 16.21
C VAL A 286 -24.13 -4.26 15.69
N LEU A 287 -24.98 -3.23 15.65
CA LEU A 287 -24.51 -1.93 15.16
C LEU A 287 -23.39 -1.38 16.01
N ALA A 288 -23.47 -1.56 17.34
CA ALA A 288 -22.40 -1.07 18.22
C ALA A 288 -21.08 -1.75 17.90
N PHE A 289 -21.11 -3.07 17.66
CA PHE A 289 -19.91 -3.82 17.31
C PHE A 289 -19.37 -3.38 15.96
N TYR A 290 -20.25 -3.25 14.97
CA TYR A 290 -19.83 -2.79 13.64
C TYR A 290 -19.08 -1.46 13.72
N HIS A 291 -19.63 -0.51 14.49
CA HIS A 291 -19.01 0.81 14.52
C HIS A 291 -17.69 0.80 15.27
N LYS A 292 -17.58 0.02 16.34
CA LYS A 292 -16.29 -0.06 17.02
C LYS A 292 -15.25 -0.74 16.15
N VAL A 293 -15.64 -1.78 15.42
CA VAL A 293 -14.69 -2.43 14.53
C VAL A 293 -14.23 -1.46 13.44
N GLU A 294 -15.14 -0.64 12.91
CA GLU A 294 -14.75 0.32 11.89
C GLU A 294 -13.74 1.32 12.46
N GLU A 295 -13.97 1.75 13.70
CA GLU A 295 -13.04 2.67 14.35
C GLU A 295 -11.67 2.04 14.55
N ASP A 296 -11.63 0.74 14.87
CA ASP A 296 -10.39 0.04 15.19
C ASP A 296 -9.69 -0.49 13.95
N ARG A 297 -10.33 -0.39 12.79
CA ARG A 297 -9.79 -0.91 11.54
C ARG A 297 -8.34 -0.52 11.26
N PRO A 298 -7.93 0.76 11.40
CA PRO A 298 -6.54 1.11 11.04
C PRO A 298 -5.49 0.49 11.94
N THR A 299 -5.86 -0.09 13.08
CA THR A 299 -4.92 -0.64 14.05
C THR A 299 -4.73 -2.14 13.94
N LEU A 300 -5.48 -2.82 13.07
CA LEU A 300 -5.48 -4.28 13.13
C LEU A 300 -4.27 -4.91 12.47
N GLY A 301 -3.70 -4.26 11.47
CA GLY A 301 -2.58 -4.85 10.76
C GLY A 301 -2.97 -5.71 9.58
N PHE A 302 -4.27 -5.88 9.33
CA PHE A 302 -4.72 -6.66 8.19
C PHE A 302 -6.03 -6.08 7.70
N ASP A 303 -6.30 -6.28 6.41
CA ASP A 303 -7.51 -5.74 5.79
C ASP A 303 -8.75 -6.50 6.21
N ILE A 304 -9.81 -5.76 6.53
CA ILE A 304 -11.13 -6.34 6.74
C ILE A 304 -12.12 -5.55 5.89
N ASP A 305 -13.00 -6.24 5.19
CA ASP A 305 -13.94 -5.50 4.35
C ASP A 305 -15.28 -5.27 5.03
N GLY A 306 -15.44 -5.67 6.28
CA GLY A 306 -16.72 -5.49 6.95
C GLY A 306 -16.79 -6.39 8.18
N VAL A 307 -18.01 -6.69 8.59
CA VAL A 307 -18.24 -7.71 9.62
C VAL A 307 -19.28 -8.69 9.09
N VAL A 308 -19.12 -9.97 9.40
CA VAL A 308 -20.11 -10.97 9.03
C VAL A 308 -20.98 -11.24 10.24
N ILE A 309 -22.30 -11.17 10.02
CA ILE A 309 -23.28 -11.33 11.10
C ILE A 309 -24.08 -12.59 10.81
N LYS A 310 -24.05 -13.55 11.73
CA LYS A 310 -24.60 -14.89 11.51
C LYS A 310 -25.60 -15.24 12.61
N VAL A 311 -26.74 -15.82 12.22
CA VAL A 311 -27.61 -16.45 13.20
C VAL A 311 -26.80 -17.46 13.98
N ASN A 312 -26.83 -17.37 15.32
CA ASN A 312 -25.94 -18.20 16.13
C ASN A 312 -26.46 -19.62 16.29
N SER A 313 -27.77 -19.81 16.42
CA SER A 313 -28.34 -21.13 16.61
C SER A 313 -28.21 -21.96 15.33
N LEU A 314 -27.59 -23.14 15.43
CA LEU A 314 -27.52 -24.02 14.28
C LEU A 314 -28.90 -24.46 13.83
N ALA A 315 -29.80 -24.70 14.79
CA ALA A 315 -31.16 -25.09 14.42
C ALA A 315 -31.82 -24.01 13.58
N GLN A 316 -31.62 -22.75 13.95
CA GLN A 316 -32.19 -21.64 13.18
C GLN A 316 -31.49 -21.48 11.83
N GLN A 317 -30.16 -21.67 11.80
CA GLN A 317 -29.45 -21.67 10.53
C GLN A 317 -30.01 -22.73 9.60
N GLU A 318 -30.27 -23.93 10.13
CA GLU A 318 -30.70 -25.03 9.29
C GLU A 318 -32.12 -24.83 8.81
N GLN A 319 -32.96 -24.18 9.62
CA GLN A 319 -34.30 -23.82 9.18
C GLN A 319 -34.26 -22.83 8.02
N LEU A 320 -33.42 -21.79 8.14
CA LEU A 320 -33.39 -20.76 7.11
C LEU A 320 -32.72 -21.26 5.84
N GLY A 321 -31.65 -22.03 5.98
CA GLY A 321 -31.04 -22.62 4.79
C GLY A 321 -30.37 -21.57 3.91
N PHE A 322 -30.35 -21.87 2.62
CA PHE A 322 -29.54 -21.15 1.64
C PHE A 322 -30.35 -20.83 0.40
N VAL A 323 -29.91 -19.80 -0.31
CA VAL A 323 -30.28 -19.64 -1.72
C VAL A 323 -29.06 -20.03 -2.53
N ALA A 324 -29.15 -19.93 -3.85
CA ALA A 324 -28.12 -20.50 -4.71
C ALA A 324 -26.74 -19.97 -4.36
N ARG A 325 -26.65 -18.68 -4.02
CA ARG A 325 -25.38 -18.02 -3.88
C ARG A 325 -24.93 -17.83 -2.43
N ALA A 326 -25.81 -17.98 -1.44
CA ALA A 326 -25.44 -17.49 -0.12
C ALA A 326 -26.40 -18.06 0.91
N PRO A 327 -25.98 -18.11 2.17
CA PRO A 327 -26.92 -18.47 3.24
C PRO A 327 -28.01 -17.42 3.42
N ARG A 328 -29.16 -17.87 3.89
CA ARG A 328 -30.19 -16.95 4.28
C ARG A 328 -30.06 -16.51 5.73
N TRP A 329 -29.07 -17.05 6.45
CA TRP A 329 -28.92 -16.79 7.89
C TRP A 329 -27.71 -15.92 8.21
N ALA A 330 -27.09 -15.31 7.22
CA ALA A 330 -25.94 -14.46 7.46
C ALA A 330 -25.93 -13.31 6.48
N VAL A 331 -25.24 -12.24 6.86
CA VAL A 331 -25.06 -11.10 5.97
C VAL A 331 -23.67 -10.52 6.18
N ALA A 332 -23.05 -10.07 5.08
CA ALA A 332 -21.81 -9.33 5.13
C ALA A 332 -22.16 -7.85 5.22
N PHE A 333 -21.89 -7.22 6.37
CA PHE A 333 -22.13 -5.79 6.53
C PHE A 333 -20.82 -5.11 6.18
N LYS A 334 -20.74 -4.58 4.97
CA LYS A 334 -19.51 -4.05 4.41
C LYS A 334 -19.20 -2.66 4.96
N PHE A 335 -17.90 -2.37 5.11
CA PHE A 335 -17.42 -1.02 5.40
C PHE A 335 -17.23 -0.24 4.11
N PRO A 336 -17.13 1.09 4.19
CA PRO A 336 -16.63 1.87 3.07
C PRO A 336 -15.27 1.31 2.62
N ALA A 337 -15.12 1.12 1.31
CA ALA A 337 -14.01 0.32 0.81
C ALA A 337 -12.71 1.12 0.75
N GLN A 338 -11.61 0.39 0.91
CA GLN A 338 -10.27 0.96 0.93
C GLN A 338 -9.71 1.25 -0.46
N GLU A 339 -10.34 0.75 -1.54
CA GLU A 339 -10.01 1.16 -2.90
C GLU A 339 -11.23 1.80 -3.54
N GLN A 340 -10.99 2.85 -4.34
CA GLN A 340 -12.03 3.53 -5.10
C GLN A 340 -11.45 3.96 -6.44
N MET A 341 -12.32 4.25 -7.42
CA MET A 341 -11.85 4.81 -8.69
C MET A 341 -12.12 6.30 -8.77
N THR A 342 -11.24 7.00 -9.48
CA THR A 342 -11.47 8.40 -9.78
C THR A 342 -10.56 8.80 -10.95
N PHE A 343 -10.69 10.04 -11.40
CA PHE A 343 -9.89 10.50 -12.52
C PHE A 343 -8.65 11.26 -12.07
N VAL A 344 -7.58 11.11 -12.83
CA VAL A 344 -6.37 11.91 -12.66
C VAL A 344 -6.53 13.20 -13.44
N ARG A 345 -6.54 14.33 -12.72
CA ARG A 345 -6.64 15.65 -13.34
C ARG A 345 -5.29 16.26 -13.67
N ASP A 346 -4.25 15.90 -12.91
CA ASP A 346 -2.93 16.50 -13.08
C ASP A 346 -1.94 15.63 -12.33
N VAL A 347 -0.67 15.89 -12.55
CA VAL A 347 0.40 15.29 -11.75
C VAL A 347 1.30 16.41 -11.28
N GLU A 348 1.43 16.53 -9.96
CA GLU A 348 2.37 17.47 -9.38
C GLU A 348 3.63 16.71 -8.96
N PHE A 349 4.74 17.43 -8.89
CA PHE A 349 6.03 16.81 -8.62
C PHE A 349 6.58 17.47 -7.35
N GLN A 350 6.41 16.78 -6.23
CA GLN A 350 6.77 17.34 -4.93
C GLN A 350 8.27 17.16 -4.69
N VAL A 351 8.92 18.22 -4.21
CA VAL A 351 10.35 18.20 -3.94
C VAL A 351 10.55 18.11 -2.44
N GLY A 352 11.21 17.04 -2.01
CA GLY A 352 11.44 16.79 -0.61
C GLY A 352 12.62 17.56 -0.05
N ARG A 353 12.81 17.40 1.26
CA ARG A 353 13.83 18.15 1.99
C ARG A 353 15.24 17.87 1.51
N THR A 354 15.49 16.71 0.91
CA THR A 354 16.81 16.41 0.35
C THR A 354 16.75 16.22 -1.15
N GLY A 355 15.73 16.79 -1.81
CA GLY A 355 15.72 16.87 -3.25
C GLY A 355 15.01 15.77 -4.00
N ALA A 356 14.46 14.78 -3.31
CA ALA A 356 13.72 13.74 -4.00
C ALA A 356 12.45 14.33 -4.62
N ILE A 357 12.15 13.90 -5.85
CA ILE A 357 10.99 14.43 -6.57
C ILE A 357 9.96 13.31 -6.66
N THR A 358 8.89 13.45 -5.88
CA THR A 358 7.85 12.43 -5.82
C THR A 358 6.68 12.85 -6.68
N PRO A 359 6.33 12.08 -7.71
CA PRO A 359 5.11 12.39 -8.48
C PRO A 359 3.87 12.08 -7.66
N VAL A 360 2.94 13.02 -7.61
CA VAL A 360 1.70 12.88 -6.86
C VAL A 360 0.55 13.25 -7.78
N ALA A 361 -0.40 12.33 -7.95
CA ALA A 361 -1.54 12.59 -8.82
C ALA A 361 -2.53 13.49 -8.10
N ARG A 362 -3.00 14.53 -8.80
CA ARG A 362 -4.15 15.29 -8.33
C ARG A 362 -5.40 14.67 -8.93
N LEU A 363 -6.40 14.43 -8.09
CA LEU A 363 -7.54 13.59 -8.44
C LEU A 363 -8.85 14.36 -8.31
N GLU A 364 -9.85 13.90 -9.05
CA GLU A 364 -11.22 14.26 -8.69
C GLU A 364 -11.48 13.71 -7.30
N PRO A 365 -11.92 14.54 -6.35
CA PRO A 365 -12.05 14.06 -4.96
C PRO A 365 -12.98 12.86 -4.84
N VAL A 366 -12.61 11.94 -3.96
CA VAL A 366 -13.37 10.71 -3.74
C VAL A 366 -13.16 10.28 -2.29
N HIS A 367 -14.20 9.70 -1.69
CA HIS A 367 -14.09 9.17 -0.34
C HIS A 367 -13.52 7.76 -0.39
N VAL A 368 -12.43 7.52 0.35
CA VAL A 368 -11.80 6.21 0.43
C VAL A 368 -11.82 5.77 1.89
N ALA A 369 -12.42 4.61 2.16
CA ALA A 369 -12.60 4.15 3.54
C ALA A 369 -13.31 5.22 4.36
N GLY A 370 -14.18 5.98 3.69
CA GLY A 370 -14.97 7.00 4.34
C GLY A 370 -14.31 8.35 4.46
N VAL A 371 -13.06 8.49 4.04
CA VAL A 371 -12.30 9.73 4.19
C VAL A 371 -12.12 10.39 2.82
N LEU A 372 -12.43 11.67 2.74
CA LEU A 372 -12.32 12.40 1.48
C LEU A 372 -10.86 12.65 1.14
N VAL A 373 -10.43 12.19 -0.04
CA VAL A 373 -9.06 12.37 -0.50
C VAL A 373 -9.07 12.87 -1.93
N SER A 374 -8.02 13.64 -2.28
CA SER A 374 -7.94 14.14 -3.64
C SER A 374 -6.51 14.12 -4.19
N ASN A 375 -5.61 13.37 -3.57
CA ASN A 375 -4.32 13.12 -4.20
C ASN A 375 -3.89 11.69 -3.89
N ALA A 376 -2.87 11.24 -4.61
CA ALA A 376 -2.33 9.90 -4.37
C ALA A 376 -0.92 9.86 -4.91
N THR A 377 -0.04 9.17 -4.19
CA THR A 377 1.33 9.10 -4.66
C THR A 377 1.46 8.17 -5.87
N LEU A 378 2.37 8.54 -6.76
CA LEU A 378 2.77 7.71 -7.89
C LEU A 378 4.15 7.10 -7.68
N HIS A 379 4.71 7.25 -6.49
CA HIS A 379 5.99 6.65 -6.09
C HIS A 379 7.17 7.30 -6.81
N ASN A 380 7.31 7.07 -8.12
CA ASN A 380 8.50 7.54 -8.83
C ASN A 380 8.25 7.42 -10.33
N ALA A 381 9.27 7.80 -11.13
CA ALA A 381 9.11 7.83 -12.58
C ALA A 381 8.96 6.43 -13.17
N ASP A 382 9.69 5.45 -12.62
CA ASP A 382 9.55 4.08 -13.11
C ASP A 382 8.14 3.56 -12.88
N GLU A 383 7.54 3.96 -11.75
CA GLU A 383 6.20 3.48 -11.43
C GLU A 383 5.16 4.13 -12.35
N ILE A 384 5.33 5.40 -12.71
CA ILE A 384 4.44 6.00 -13.71
C ILE A 384 4.48 5.19 -15.00
N GLU A 385 5.69 4.82 -15.44
CA GLU A 385 5.81 4.06 -16.68
C GLU A 385 5.24 2.65 -16.53
N ARG A 386 5.46 2.01 -15.38
CA ARG A 386 4.90 0.68 -15.16
C ARG A 386 3.39 0.71 -15.21
N LEU A 387 2.79 1.76 -14.64
CA LEU A 387 1.33 1.89 -14.63
C LEU A 387 0.77 2.16 -16.01
N GLY A 388 1.56 2.80 -16.88
CA GLY A 388 1.01 3.31 -18.13
C GLY A 388 0.14 4.52 -17.95
N LEU A 389 0.33 5.27 -16.87
CA LEU A 389 -0.58 6.35 -16.50
C LEU A 389 -0.46 7.54 -17.44
N ARG A 390 -1.61 8.08 -17.81
CA ARG A 390 -1.69 9.34 -18.55
C ARG A 390 -2.66 10.27 -17.81
N ILE A 391 -2.41 11.57 -17.92
CA ILE A 391 -3.34 12.53 -17.35
C ILE A 391 -4.69 12.36 -18.03
N GLY A 392 -5.76 12.31 -17.22
CA GLY A 392 -7.09 12.00 -17.70
C GLY A 392 -7.53 10.56 -17.49
N ASP A 393 -6.60 9.67 -17.16
CA ASP A 393 -6.94 8.28 -16.89
C ASP A 393 -7.86 8.16 -15.67
N LYS A 394 -8.73 7.16 -15.71
CA LYS A 394 -9.40 6.67 -14.52
C LYS A 394 -8.45 5.72 -13.80
N VAL A 395 -8.30 5.89 -12.49
CA VAL A 395 -7.37 5.06 -11.73
C VAL A 395 -8.06 4.49 -10.50
N VAL A 396 -7.55 3.37 -10.04
CA VAL A 396 -7.87 2.83 -8.72
C VAL A 396 -6.87 3.41 -7.74
N ILE A 397 -7.36 3.89 -6.58
CA ILE A 397 -6.49 4.34 -5.51
C ILE A 397 -6.81 3.58 -4.23
N ARG A 398 -5.80 3.39 -3.39
CA ARG A 398 -5.94 2.67 -2.12
C ARG A 398 -5.56 3.58 -0.97
N ARG A 399 -6.37 3.55 0.09
CA ARG A 399 -5.99 4.18 1.36
C ARG A 399 -6.40 3.25 2.48
N ALA A 400 -5.40 2.63 3.12
CA ALA A 400 -5.61 1.77 4.28
C ALA A 400 -4.76 2.39 5.38
N GLY A 401 -5.37 3.24 6.17
CA GLY A 401 -4.68 3.94 7.24
C GLY A 401 -4.50 5.41 6.93
N ASP A 402 -3.95 6.12 7.91
CA ASP A 402 -3.76 7.58 7.81
C ASP A 402 -2.42 7.86 7.13
N VAL A 403 -2.41 7.61 5.82
CA VAL A 403 -1.23 7.78 4.98
C VAL A 403 -1.69 8.37 3.65
N ILE A 404 -0.73 8.86 2.86
CA ILE A 404 -1.17 9.35 1.55
C ILE A 404 -1.70 8.17 0.74
N PRO A 405 -2.83 8.31 0.08
CA PRO A 405 -3.31 7.23 -0.78
C PRO A 405 -2.29 6.92 -1.86
N GLN A 406 -2.43 5.74 -2.46
CA GLN A 406 -1.55 5.33 -3.55
C GLN A 406 -2.36 5.00 -4.80
N VAL A 407 -1.80 5.31 -5.95
CA VAL A 407 -2.39 4.82 -7.20
C VAL A 407 -2.09 3.34 -7.33
N VAL A 408 -3.13 2.54 -7.53
CA VAL A 408 -3.02 1.08 -7.66
C VAL A 408 -2.81 0.66 -9.10
N ASN A 409 -3.70 1.10 -9.99
CA ASN A 409 -3.57 0.78 -11.41
C ASN A 409 -4.44 1.75 -12.20
N VAL A 410 -4.18 1.78 -13.49
CA VAL A 410 -5.04 2.47 -14.44
C VAL A 410 -6.18 1.55 -14.84
N VAL A 411 -7.37 2.12 -14.94
CA VAL A 411 -8.52 1.38 -15.49
C VAL A 411 -8.49 1.61 -16.98
N LEU A 412 -7.64 0.81 -17.65
CA LEU A 412 -7.35 1.03 -19.06
C LEU A 412 -8.59 0.84 -19.91
N SER A 413 -9.47 -0.09 -19.53
CA SER A 413 -10.69 -0.33 -20.28
C SER A 413 -11.64 0.86 -20.27
N GLU A 414 -11.37 1.89 -19.46
CA GLU A 414 -12.19 3.09 -19.44
C GLU A 414 -11.39 4.34 -19.81
N ARG A 415 -10.27 4.18 -20.50
CA ARG A 415 -9.42 5.33 -20.81
C ARG A 415 -10.14 6.27 -21.77
N PRO A 416 -10.30 7.55 -21.42
CA PRO A 416 -10.95 8.49 -22.33
C PRO A 416 -10.12 8.70 -23.59
N GLU A 417 -10.80 9.15 -24.65
CA GLU A 417 -10.11 9.45 -25.90
C GLU A 417 -9.15 10.63 -25.76
N ASP A 418 -9.39 11.53 -24.81
CA ASP A 418 -8.52 12.68 -24.58
C ASP A 418 -7.75 12.43 -23.28
N THR A 419 -6.49 12.01 -23.41
CA THR A 419 -5.57 11.92 -22.29
C THR A 419 -4.24 12.54 -22.71
N ARG A 420 -3.41 12.86 -21.72
CA ARG A 420 -2.15 13.56 -21.94
C ARG A 420 -0.98 12.78 -21.36
N GLU A 421 0.13 12.78 -22.07
CA GLU A 421 1.34 12.17 -21.57
C GLU A 421 1.80 12.84 -20.28
N VAL A 422 2.25 12.04 -19.32
CA VAL A 422 2.85 12.56 -18.11
C VAL A 422 4.34 12.74 -18.40
N VAL A 423 4.78 13.99 -18.41
CA VAL A 423 6.18 14.32 -18.68
C VAL A 423 6.86 14.56 -17.35
N PHE A 424 7.71 13.63 -16.96
CA PHE A 424 8.46 13.81 -15.71
C PHE A 424 9.42 14.99 -15.88
N PRO A 425 9.50 15.88 -14.90
CA PRO A 425 10.28 17.12 -15.10
C PRO A 425 11.75 16.84 -15.26
N THR A 426 12.35 17.52 -16.23
CA THR A 426 13.79 17.55 -16.41
C THR A 426 14.45 18.62 -15.55
N HIS A 427 13.66 19.55 -15.01
CA HIS A 427 14.15 20.63 -14.17
C HIS A 427 13.25 20.78 -12.96
N CYS A 428 13.85 21.20 -11.86
CA CYS A 428 13.16 21.20 -10.58
C CYS A 428 12.02 22.22 -10.61
N PRO A 429 10.80 21.84 -10.22
CA PRO A 429 9.71 22.81 -10.23
C PRO A 429 9.87 23.91 -9.19
N VAL A 430 10.75 23.74 -8.21
CA VAL A 430 10.96 24.77 -7.19
C VAL A 430 12.09 25.72 -7.57
N CYS A 431 13.24 25.20 -8.00
CA CYS A 431 14.42 26.04 -8.23
C CYS A 431 14.92 26.06 -9.66
N GLY A 432 14.42 25.21 -10.55
CA GLY A 432 14.87 25.18 -11.92
C GLY A 432 16.14 24.41 -12.19
N SER A 433 16.77 23.82 -11.17
CA SER A 433 17.99 23.08 -11.40
C SER A 433 17.69 21.76 -12.09
N ASP A 434 18.75 21.17 -12.68
CA ASP A 434 18.63 19.87 -13.33
C ASP A 434 18.03 18.83 -12.39
N VAL A 435 17.13 18.03 -12.90
CA VAL A 435 16.69 16.80 -12.25
C VAL A 435 17.57 15.66 -12.74
N GLU A 436 18.00 14.79 -11.83
CA GLU A 436 18.82 13.64 -12.22
C GLU A 436 18.05 12.34 -11.97
N ARG A 437 18.10 11.44 -12.94
CA ARG A 437 17.67 10.06 -12.78
C ARG A 437 18.89 9.18 -13.10
N VAL A 438 19.27 8.35 -12.14
CA VAL A 438 20.44 7.48 -12.29
C VAL A 438 19.95 6.06 -12.50
N GLU A 439 20.52 5.39 -13.51
CA GLU A 439 20.11 4.03 -13.83
C GLU A 439 20.16 3.13 -12.60
N GLY A 440 19.12 2.32 -12.43
CA GLY A 440 19.01 1.44 -11.29
C GLY A 440 18.46 2.06 -10.03
N GLU A 441 18.38 3.39 -9.97
CA GLU A 441 17.81 4.09 -8.84
C GLU A 441 16.40 4.54 -9.19
N ALA A 442 15.46 4.30 -8.28
CA ALA A 442 14.07 4.65 -8.58
C ALA A 442 13.82 6.14 -8.43
N VAL A 443 14.55 6.80 -7.54
CA VAL A 443 14.23 8.16 -7.10
C VAL A 443 14.94 9.17 -8.00
N ALA A 444 14.18 10.08 -8.59
CA ALA A 444 14.72 11.23 -9.29
C ALA A 444 14.92 12.37 -8.30
N ARG A 445 15.95 13.19 -8.54
CA ARG A 445 16.38 14.18 -7.57
C ARG A 445 16.68 15.52 -8.21
N CYS A 446 16.34 16.60 -7.51
CA CYS A 446 16.86 17.92 -7.86
C CYS A 446 18.35 17.99 -7.50
N THR A 447 19.18 18.34 -8.50
CA THR A 447 20.62 18.38 -8.28
C THR A 447 21.09 19.67 -7.61
N GLY A 448 20.23 20.68 -7.51
CA GLY A 448 20.66 21.98 -7.00
C GLY A 448 20.55 22.09 -5.49
N GLY A 449 21.29 21.24 -4.78
CA GLY A 449 21.21 21.20 -3.34
C GLY A 449 21.63 22.48 -2.67
N LEU A 450 22.47 23.28 -3.33
CA LEU A 450 23.01 24.48 -2.71
C LEU A 450 22.09 25.69 -2.85
N ILE A 451 21.08 25.62 -3.73
CA ILE A 451 20.16 26.75 -3.91
C ILE A 451 18.70 26.37 -3.72
N CYS A 452 18.31 25.10 -3.87
CA CYS A 452 16.91 24.74 -3.93
C CYS A 452 16.17 25.09 -2.63
N GLY A 453 15.10 25.89 -2.77
CA GLY A 453 14.33 26.25 -1.59
C GLY A 453 13.82 25.05 -0.80
N ALA A 454 13.44 23.98 -1.51
CA ALA A 454 12.91 22.80 -0.81
C ALA A 454 13.97 22.11 0.01
N GLN A 455 15.25 22.31 -0.31
CA GLN A 455 16.34 21.62 0.35
C GLN A 455 17.13 22.51 1.29
N ARG A 456 16.74 23.78 1.41
CA ARG A 456 17.64 24.80 1.95
C ARG A 456 17.96 24.59 3.42
N LYS A 457 16.95 24.30 4.23
CA LYS A 457 17.19 24.12 5.67
C LYS A 457 18.14 22.97 5.91
N GLU A 458 17.90 21.82 5.27
CA GLU A 458 18.78 20.67 5.49
C GLU A 458 20.15 20.89 4.86
N SER A 459 20.22 21.54 3.70
CA SER A 459 21.50 21.74 3.04
C SER A 459 22.39 22.68 3.84
N LEU A 460 21.82 23.76 4.40
CA LEU A 460 22.62 24.67 5.20
C LEU A 460 23.05 24.03 6.51
N LYS A 461 22.15 23.29 7.15
CA LYS A 461 22.52 22.56 8.36
C LYS A 461 23.66 21.59 8.08
N HIS A 462 23.58 20.87 6.96
CA HIS A 462 24.66 19.96 6.62
C HIS A 462 25.97 20.72 6.43
N PHE A 463 25.90 21.85 5.71
CA PHE A 463 27.09 22.61 5.37
C PHE A 463 27.86 23.05 6.61
N VAL A 464 27.16 23.45 7.66
CA VAL A 464 27.82 23.99 8.85
C VAL A 464 28.04 22.90 9.91
N SER A 465 27.74 21.66 9.58
CA SER A 465 27.82 20.59 10.57
C SER A 465 29.28 20.23 10.89
N ARG A 466 29.41 19.39 11.93
CA ARG A 466 30.72 19.17 12.57
C ARG A 466 31.78 18.65 11.60
N ARG A 467 31.44 17.67 10.76
CA ARG A 467 32.42 17.07 9.85
C ARG A 467 32.52 17.84 8.53
N ALA A 468 31.75 18.91 8.39
CA ALA A 468 31.77 19.79 7.22
C ALA A 468 32.48 21.10 7.58
N MET A 469 31.78 22.23 7.50
CA MET A 469 32.43 23.50 7.81
C MET A 469 32.43 23.84 9.30
N ASP A 470 31.62 23.15 10.12
CA ASP A 470 31.74 23.16 11.58
C ASP A 470 31.67 24.56 12.16
N VAL A 471 30.52 25.21 11.98
CA VAL A 471 30.35 26.60 12.38
C VAL A 471 29.67 26.60 13.74
N ASP A 472 30.44 27.00 14.76
CA ASP A 472 29.90 27.15 16.11
C ASP A 472 28.79 28.20 16.11
N GLY A 473 27.66 27.87 16.73
CA GLY A 473 26.60 28.83 16.93
C GLY A 473 25.60 28.95 15.80
N MET A 474 25.84 28.29 14.67
CA MET A 474 24.87 28.31 13.57
C MET A 474 23.92 27.13 13.74
N GLY A 475 23.13 27.20 14.82
CA GLY A 475 22.25 26.12 15.18
C GLY A 475 21.04 26.03 14.28
N ASP A 476 20.35 24.87 14.40
CA ASP A 476 19.21 24.58 13.52
C ASP A 476 18.15 25.66 13.61
N LYS A 477 17.92 26.21 14.80
CA LYS A 477 16.90 27.24 14.93
C LYS A 477 17.35 28.58 14.38
N ILE A 478 18.66 28.85 14.34
CA ILE A 478 19.14 30.05 13.66
C ILE A 478 18.98 29.89 12.15
N ILE A 479 19.40 28.75 11.62
CA ILE A 479 19.25 28.48 10.19
C ILE A 479 17.79 28.55 9.78
N ASP A 480 16.89 28.02 10.62
CA ASP A 480 15.48 28.00 10.24
C ASP A 480 14.96 29.42 10.00
N GLN A 481 15.34 30.35 10.88
CA GLN A 481 14.91 31.74 10.73
C GLN A 481 15.51 32.39 9.50
N LEU A 482 16.80 32.16 9.25
CA LEU A 482 17.44 32.74 8.08
C LEU A 482 16.76 32.27 6.80
N VAL A 483 16.33 31.01 6.77
CA VAL A 483 15.65 30.49 5.59
C VAL A 483 14.24 31.05 5.50
N GLU A 484 13.50 31.04 6.62
CA GLU A 484 12.10 31.45 6.61
C GLU A 484 11.96 32.94 6.34
N LYS A 485 12.89 33.75 6.81
CA LYS A 485 12.87 35.18 6.51
C LYS A 485 13.50 35.51 5.17
N GLU A 486 14.01 34.51 4.44
CA GLU A 486 14.65 34.70 3.14
C GLU A 486 15.87 35.61 3.23
N TYR A 487 16.57 35.54 4.36
CA TYR A 487 17.85 36.22 4.53
C TYR A 487 19.02 35.47 3.91
N VAL A 488 18.89 34.14 3.76
CA VAL A 488 19.93 33.29 3.20
C VAL A 488 19.27 32.40 2.16
N HIS A 489 19.95 32.25 1.01
CA HIS A 489 19.47 31.35 -0.03
C HIS A 489 20.48 30.26 -0.38
N THR A 490 21.76 30.49 -0.15
CA THR A 490 22.80 29.52 -0.44
C THR A 490 23.83 29.58 0.73
N PRO A 491 24.68 28.55 0.81
CA PRO A 491 25.73 28.63 1.85
C PRO A 491 26.64 29.83 1.72
N ALA A 492 26.78 30.39 0.52
CA ALA A 492 27.63 31.55 0.37
C ALA A 492 27.07 32.75 1.13
N ASP A 493 25.75 32.84 1.24
CA ASP A 493 25.14 33.94 1.99
C ASP A 493 25.49 33.91 3.47
N LEU A 494 25.85 32.74 4.03
CA LEU A 494 26.21 32.70 5.44
C LEU A 494 27.42 33.57 5.71
N PHE A 495 28.39 33.55 4.81
CA PHE A 495 29.59 34.35 5.00
C PHE A 495 29.36 35.82 4.73
N LYS A 496 28.23 36.18 4.14
CA LYS A 496 27.87 37.56 3.92
C LYS A 496 27.05 38.16 5.05
N LEU A 497 26.67 37.35 6.05
CA LEU A 497 25.88 37.84 7.17
C LEU A 497 26.66 38.85 8.00
N THR A 498 26.03 39.98 8.30
CA THR A 498 26.59 40.96 9.21
C THR A 498 26.10 40.68 10.62
N ALA A 499 26.84 41.18 11.61
CA ALA A 499 26.37 41.07 12.98
C ALA A 499 25.01 41.73 13.15
N GLY A 500 24.75 42.81 12.41
CA GLY A 500 23.48 43.50 12.53
C GLY A 500 22.30 42.63 12.11
N LYS A 501 22.44 41.94 10.98
CA LYS A 501 21.33 41.12 10.50
C LYS A 501 21.08 39.93 11.43
N LEU A 502 22.14 39.32 11.95
CA LEU A 502 21.95 38.20 12.86
C LEU A 502 21.31 38.65 14.17
N THR A 503 21.71 39.83 14.66
CA THR A 503 21.14 40.34 15.91
C THR A 503 19.62 40.42 15.84
N GLY A 504 19.06 40.70 14.68
CA GLY A 504 17.62 40.82 14.53
C GLY A 504 16.86 39.53 14.70
N LEU A 505 17.54 38.39 14.72
CA LEU A 505 16.87 37.12 14.87
C LEU A 505 16.53 36.84 16.33
N GLU A 506 15.50 36.02 16.52
CA GLU A 506 15.27 35.42 17.83
C GLU A 506 16.40 34.44 18.15
N ARG A 507 16.62 34.23 19.44
CA ARG A 507 17.69 33.39 19.99
C ARG A 507 19.07 33.98 19.74
N MET A 508 19.14 35.22 19.27
CA MET A 508 20.39 35.87 18.91
C MET A 508 20.44 37.23 19.58
N GLY A 509 21.57 37.54 20.18
CA GLY A 509 21.82 38.87 20.69
C GLY A 509 23.06 39.44 20.06
N PRO A 510 23.42 40.67 20.41
CA PRO A 510 24.63 41.27 19.81
C PRO A 510 25.88 40.42 20.04
N LYS A 511 26.02 39.82 21.22
CA LYS A 511 27.21 39.04 21.50
C LYS A 511 27.23 37.75 20.69
N SER A 512 26.14 36.99 20.71
CA SER A 512 26.14 35.74 19.95
C SER A 512 26.15 36.02 18.44
N ALA A 513 25.57 37.14 18.01
CA ALA A 513 25.66 37.51 16.60
C ALA A 513 27.11 37.73 16.18
N GLN A 514 27.88 38.47 16.99
CA GLN A 514 29.28 38.66 16.63
C GLN A 514 30.05 37.36 16.80
N ASN A 515 29.65 36.52 17.76
CA ASN A 515 30.30 35.22 17.92
C ASN A 515 30.17 34.38 16.66
N VAL A 516 28.99 34.38 16.03
CA VAL A 516 28.84 33.53 14.85
C VAL A 516 29.45 34.18 13.62
N VAL A 517 29.46 35.52 13.53
CA VAL A 517 30.21 36.17 12.46
C VAL A 517 31.69 35.80 12.55
N ASN A 518 32.22 35.82 13.77
CA ASN A 518 33.60 35.39 13.97
C ASN A 518 33.77 33.92 13.62
N ALA A 519 32.82 33.08 14.03
CA ALA A 519 32.95 31.65 13.77
C ALA A 519 32.90 31.36 12.28
N LEU A 520 32.07 32.09 11.54
CA LEU A 520 32.00 31.93 10.09
C LEU A 520 33.29 32.38 9.41
N GLU A 521 33.90 33.46 9.88
CA GLU A 521 35.19 33.87 9.32
C GLU A 521 36.24 32.78 9.53
N LYS A 522 36.31 32.21 10.74
CA LYS A 522 37.27 31.13 11.00
C LYS A 522 36.93 29.86 10.21
N ALA A 523 35.64 29.61 9.98
CA ALA A 523 35.23 28.42 9.24
C ALA A 523 35.68 28.46 7.78
N LYS A 524 36.10 29.63 7.27
CA LYS A 524 36.61 29.65 5.91
C LYS A 524 37.85 28.78 5.75
N GLU A 525 38.52 28.47 6.87
CA GLU A 525 39.69 27.58 6.87
C GLU A 525 39.20 26.13 6.91
N THR A 526 39.40 25.39 5.83
CA THR A 526 38.88 24.03 5.75
C THR A 526 39.92 23.15 5.03
N THR A 527 39.50 21.94 4.70
CA THR A 527 40.27 21.04 3.86
C THR A 527 39.46 20.73 2.61
N PHE A 528 40.14 20.26 1.56
CA PHE A 528 39.42 19.92 0.36
C PHE A 528 38.36 18.85 0.65
N ALA A 529 38.73 17.83 1.43
CA ALA A 529 37.79 16.77 1.76
C ALA A 529 36.57 17.30 2.52
N ARG A 530 36.79 18.17 3.50
CA ARG A 530 35.64 18.66 4.28
C ARG A 530 34.80 19.63 3.47
N PHE A 531 35.43 20.46 2.62
CA PHE A 531 34.65 21.32 1.74
C PHE A 531 33.78 20.49 0.80
N LEU A 532 34.37 19.47 0.16
CA LEU A 532 33.59 18.60 -0.71
C LEU A 532 32.46 17.96 0.07
N TYR A 533 32.73 17.45 1.27
CA TYR A 533 31.67 16.85 2.07
C TYR A 533 30.56 17.86 2.36
N ALA A 534 30.95 19.10 2.65
CA ALA A 534 29.99 20.15 3.00
C ALA A 534 29.04 20.48 1.86
N LEU A 535 29.43 20.20 0.62
CA LEU A 535 28.57 20.52 -0.52
C LEU A 535 27.31 19.67 -0.58
N GLY A 536 27.26 18.56 0.16
CA GLY A 536 26.03 17.79 0.25
C GLY A 536 25.63 17.04 -1.00
N ILE A 537 26.59 16.60 -1.81
CA ILE A 537 26.29 15.72 -2.95
C ILE A 537 25.70 14.41 -2.45
N ARG A 538 24.62 13.97 -3.10
CA ARG A 538 23.92 12.77 -2.67
C ARG A 538 24.85 11.57 -2.68
N GLU A 539 24.84 10.81 -1.58
CA GLU A 539 25.58 9.57 -1.34
C GLU A 539 27.05 9.82 -1.06
N VAL A 540 27.49 11.07 -0.96
CA VAL A 540 28.89 11.36 -0.71
C VAL A 540 29.08 11.49 0.80
N GLY A 541 29.53 10.40 1.43
CA GLY A 541 29.86 10.44 2.83
C GLY A 541 31.24 11.01 3.09
N GLU A 542 31.60 11.04 4.38
CA GLU A 542 32.89 11.63 4.76
C GLU A 542 34.05 10.91 4.09
N ALA A 543 33.99 9.57 4.01
CA ALA A 543 35.07 8.80 3.40
C ALA A 543 35.11 8.97 1.89
N THR A 544 33.94 9.04 1.26
CA THR A 544 33.91 9.26 -0.18
C THR A 544 34.48 10.63 -0.52
N ALA A 545 34.12 11.65 0.27
CA ALA A 545 34.70 12.97 0.05
C ALA A 545 36.22 12.92 0.15
N ALA A 546 36.73 12.22 1.16
CA ALA A 546 38.19 12.12 1.32
C ALA A 546 38.81 11.39 0.14
N GLY A 547 38.13 10.36 -0.37
CA GLY A 547 38.68 9.62 -1.49
C GLY A 547 38.69 10.44 -2.77
N LEU A 548 37.61 11.16 -3.04
CA LEU A 548 37.57 12.05 -4.18
C LEU A 548 38.64 13.14 -4.06
N ALA A 549 38.79 13.72 -2.87
CA ALA A 549 39.81 14.75 -2.70
C ALA A 549 41.21 14.19 -2.94
N ALA A 550 41.49 12.99 -2.42
CA ALA A 550 42.82 12.40 -2.58
C ALA A 550 43.09 12.06 -4.05
N TYR A 551 42.08 11.54 -4.77
CA TYR A 551 42.31 11.12 -6.15
C TYR A 551 42.54 12.31 -7.07
N PHE A 552 41.66 13.30 -7.01
CA PHE A 552 41.72 14.41 -7.95
C PHE A 552 42.60 15.57 -7.47
N GLY A 553 42.88 15.64 -6.17
CA GLY A 553 43.83 16.61 -5.67
C GLY A 553 43.34 18.03 -5.58
N THR A 554 42.66 18.51 -6.63
CA THR A 554 42.16 19.88 -6.70
C THR A 554 40.71 19.89 -7.14
N LEU A 555 40.03 21.00 -6.81
CA LEU A 555 38.65 21.18 -7.23
C LEU A 555 38.51 21.27 -8.74
N GLU A 556 39.50 21.87 -9.41
CA GLU A 556 39.40 22.03 -10.86
C GLU A 556 39.43 20.67 -11.56
N ALA A 557 40.28 19.75 -11.08
CA ALA A 557 40.28 18.41 -11.67
C ALA A 557 38.98 17.68 -11.38
N LEU A 558 38.46 17.82 -10.17
CA LEU A 558 37.23 17.12 -9.81
C LEU A 558 36.04 17.63 -10.60
N GLU A 559 35.90 18.96 -10.68
CA GLU A 559 34.71 19.52 -11.33
C GLU A 559 34.69 19.23 -12.82
N ALA A 560 35.81 18.81 -13.40
CA ALA A 560 35.88 18.51 -14.83
C ALA A 560 35.64 17.03 -15.15
N ALA A 561 35.61 16.16 -14.14
CA ALA A 561 35.63 14.72 -14.36
C ALA A 561 34.31 14.21 -14.95
N SER A 562 34.40 13.35 -15.95
CA SER A 562 33.24 12.65 -16.48
C SER A 562 32.80 11.56 -15.51
N ILE A 563 31.67 10.93 -15.83
CA ILE A 563 31.19 9.82 -14.99
C ILE A 563 32.17 8.67 -15.06
N GLU A 564 32.70 8.36 -16.24
CA GLU A 564 33.66 7.27 -16.35
C GLU A 564 34.95 7.59 -15.59
N GLU A 565 35.42 8.84 -15.67
CA GLU A 565 36.60 9.24 -14.92
C GLU A 565 36.37 9.10 -13.42
N LEU A 566 35.19 9.52 -12.95
CA LEU A 566 34.88 9.38 -11.53
C LEU A 566 34.84 7.92 -11.11
N GLN A 567 34.37 7.02 -11.99
CA GLN A 567 34.34 5.59 -11.67
C GLN A 567 35.73 4.99 -11.55
N LYS A 568 36.78 5.70 -12.01
CA LYS A 568 38.13 5.20 -11.77
C LYS A 568 38.47 5.21 -10.29
N VAL A 569 37.87 6.10 -9.52
CA VAL A 569 38.27 6.25 -8.12
C VAL A 569 37.88 5.00 -7.33
N PRO A 570 38.78 4.45 -6.51
CA PRO A 570 38.41 3.32 -5.65
C PRO A 570 37.21 3.66 -4.77
N ASP A 571 36.26 2.71 -4.69
CA ASP A 571 35.07 2.81 -3.85
C ASP A 571 34.08 3.86 -4.34
N VAL A 572 34.17 4.24 -5.62
CA VAL A 572 33.20 5.13 -6.27
C VAL A 572 32.61 4.34 -7.43
N GLY A 573 31.33 3.98 -7.32
CA GLY A 573 30.63 3.27 -8.37
C GLY A 573 29.80 4.20 -9.25
N ILE A 574 28.95 3.59 -10.07
CA ILE A 574 28.20 4.37 -11.04
C ILE A 574 27.28 5.37 -10.37
N VAL A 575 26.68 5.01 -9.22
CA VAL A 575 25.71 5.91 -8.60
C VAL A 575 26.38 7.17 -8.07
N VAL A 576 27.44 7.00 -7.26
CA VAL A 576 28.15 8.16 -6.72
C VAL A 576 28.79 8.96 -7.84
N ALA A 577 29.37 8.28 -8.82
CA ALA A 577 29.97 8.98 -9.95
C ALA A 577 28.95 9.83 -10.68
N SER A 578 27.75 9.28 -10.87
CA SER A 578 26.68 10.03 -11.53
C SER A 578 26.28 11.25 -10.70
N HIS A 579 26.09 11.07 -9.39
CA HIS A 579 25.70 12.19 -8.54
C HIS A 579 26.74 13.29 -8.57
N VAL A 580 28.02 12.93 -8.46
CA VAL A 580 29.09 13.93 -8.45
C VAL A 580 29.13 14.68 -9.78
N HIS A 581 29.11 13.94 -10.89
CA HIS A 581 29.16 14.58 -12.20
C HIS A 581 27.96 15.50 -12.42
N ASN A 582 26.75 15.01 -12.10
CA ASN A 582 25.55 15.81 -12.30
C ASN A 582 25.53 17.03 -11.38
N PHE A 583 26.08 16.90 -10.18
CA PHE A 583 26.17 18.04 -9.28
C PHE A 583 27.00 19.16 -9.90
N PHE A 584 28.21 18.83 -10.38
CA PHE A 584 29.07 19.86 -10.93
C PHE A 584 28.63 20.34 -12.31
N ALA A 585 27.77 19.57 -13.01
CA ALA A 585 27.20 20.02 -14.27
C ALA A 585 26.06 21.00 -14.08
N GLU A 586 25.53 21.13 -12.87
CA GLU A 586 24.41 22.02 -12.62
C GLU A 586 24.94 23.42 -12.29
N GLU A 587 24.44 24.41 -13.04
CA GLU A 587 25.01 25.76 -12.96
C GLU A 587 24.86 26.35 -11.55
N SER A 588 23.73 26.12 -10.89
CA SER A 588 23.53 26.74 -9.58
C SER A 588 24.59 26.30 -8.59
N ASN A 589 25.05 25.05 -8.68
CA ASN A 589 26.12 24.58 -7.78
C ASN A 589 27.45 25.25 -8.11
N ARG A 590 27.80 25.34 -9.39
CA ARG A 590 29.02 26.03 -9.76
C ARG A 590 29.01 27.48 -9.31
N ASN A 591 27.85 28.14 -9.40
CA ASN A 591 27.74 29.53 -8.98
C ASN A 591 27.97 29.67 -7.48
N VAL A 592 27.40 28.77 -6.68
CA VAL A 592 27.58 28.86 -5.23
C VAL A 592 29.04 28.58 -4.86
N ILE A 593 29.67 27.62 -5.52
CA ILE A 593 31.07 27.32 -5.25
C ILE A 593 31.95 28.51 -5.60
N SER A 594 31.71 29.13 -6.76
CA SER A 594 32.45 30.34 -7.10
C SER A 594 32.25 31.42 -6.05
N GLU A 595 31.01 31.62 -5.58
CA GLU A 595 30.78 32.63 -4.54
C GLU A 595 31.51 32.26 -3.25
N LEU A 596 31.51 30.97 -2.89
CA LEU A 596 32.20 30.56 -1.66
C LEU A 596 33.69 30.87 -1.75
N LEU A 597 34.31 30.58 -2.88
CA LEU A 597 35.71 30.91 -3.07
C LEU A 597 35.91 32.42 -3.04
N ALA A 598 34.99 33.16 -3.65
CA ALA A 598 35.11 34.62 -3.66
C ALA A 598 35.04 35.20 -2.26
N GLU A 599 34.25 34.58 -1.36
CA GLU A 599 34.18 35.04 0.02
C GLU A 599 35.38 34.64 0.86
N GLY A 600 36.27 33.80 0.33
CA GLY A 600 37.51 33.48 1.01
C GLY A 600 37.65 32.07 1.56
N VAL A 601 36.74 31.16 1.25
CA VAL A 601 36.91 29.78 1.69
C VAL A 601 38.23 29.25 1.15
N HIS A 602 39.01 28.62 2.02
CA HIS A 602 40.39 28.27 1.69
C HIS A 602 40.72 26.87 2.18
N TRP A 603 41.45 26.12 1.36
CA TRP A 603 42.06 24.87 1.80
C TRP A 603 43.44 24.74 1.17
N PRO A 604 44.29 23.91 1.77
CA PRO A 604 45.66 23.77 1.24
C PRO A 604 45.69 23.25 -0.18
N ALA A 605 46.60 23.79 -0.98
CA ALA A 605 46.84 23.24 -2.29
C ALA A 605 47.58 21.91 -2.15
N PRO A 606 47.44 21.01 -3.14
CA PRO A 606 48.19 19.75 -3.10
C PRO A 606 49.56 19.88 -3.75
PA NAD B . -17.29 -11.81 -0.21
O1A NAD B . -15.83 -11.99 0.00
O2A NAD B . -17.89 -10.45 -0.30
O5B NAD B . -18.19 -12.62 0.84
C5B NAD B . -18.14 -14.06 0.96
C4B NAD B . -16.80 -14.47 1.55
O4B NAD B . -16.53 -13.87 2.81
C3B NAD B . -16.72 -15.96 1.83
O3B NAD B . -16.45 -16.70 0.63
C2B NAD B . -15.60 -16.04 2.87
O2B NAD B . -14.38 -16.55 2.29
C1B NAD B . -15.38 -14.60 3.28
N9A NAD B . -15.30 -14.35 4.73
C8A NAD B . -14.40 -13.51 5.28
N7A NAD B . -14.55 -13.47 6.62
C5A NAD B . -15.59 -14.27 6.94
C6A NAD B . -16.25 -14.68 8.18
N6A NAD B . -15.86 -14.19 9.40
N1A NAD B . -17.26 -15.56 8.07
C2A NAD B . -17.67 -16.05 6.88
N3A NAD B . -17.10 -15.74 5.71
C4A NAD B . -16.06 -14.86 5.68
O3 NAD B . -17.79 -12.55 -1.55
PN NAD B . -17.13 -13.33 -2.78
O1N NAD B . -18.00 -14.52 -3.07
O2N NAD B . -15.67 -13.58 -2.68
O5D NAD B . -17.38 -12.33 -4.00
C5D NAD B . -17.61 -10.91 -3.84
C4D NAD B . -16.36 -10.22 -3.32
O4D NAD B . -15.30 -10.32 -4.30
C3D NAD B . -16.62 -8.74 -3.12
O3D NAD B . -15.66 -8.22 -2.17
C2D NAD B . -16.25 -8.22 -4.48
O2D NAD B . -15.96 -6.82 -4.52
C1D NAD B . -15.00 -9.00 -4.78
N1N NAD B . -14.86 -9.05 -6.24
C2N NAD B . -14.13 -8.08 -6.81
C3N NAD B . -13.97 -8.03 -8.19
C7N NAD B . -13.17 -6.94 -8.81
O7N NAD B . -13.15 -6.88 -10.03
N7N NAD B . -12.54 -6.07 -8.01
C4N NAD B . -14.58 -8.99 -8.98
C5N NAD B . -15.34 -9.99 -8.35
C6N NAD B . -15.48 -10.02 -6.97
ZN ZN C . 15.27 22.23 -6.69
MG MG D . -13.86 -11.54 0.22
#